data_7JFL
#
_entry.id   7JFL
#
_cell.length_a   124.010
_cell.length_b   68.030
_cell.length_c   55.920
_cell.angle_alpha   90.000
_cell.angle_beta   106.240
_cell.angle_gamma   90.000
#
_symmetry.space_group_name_H-M   'C 1 2 1'
#
loop_
_entity.id
_entity.type
_entity.pdbx_description
1 polymer 'Interferon regulatory factor 3'
2 polymer 'CREB-binding protein'
3 water water
#
loop_
_entity_poly.entity_id
_entity_poly.type
_entity_poly.pdbx_seq_one_letter_code
_entity_poly.pdbx_strand_id
1 'polypeptide(L)'
;SEFENPLKRLLVPGEEWEFEVTAFYRGRQVFQQTISCPEGLRLVGSEVGDRTLPGWPVTLPDPGMSLTDRGVMSYVRHVL
SCLGGGLALWRAGQWLWAQRLGHCHTYWAVSEELLPNSGHGPDGEVPKDKEGGVFDLGPFIVDLITFTEGSGRSPRYALW
FCVGESWPQDQPWTKRLVMVKVVPTCLRALVEMARVGGAS(SEP)LENTVDLHISNS
;
A,B
2 'polypeptide(L)' SALQDLLRTLKSPSSPQQQQQVLNILKSNPQLMAAFIKQRTAKYVAN C,D
#
# COMPACT_ATOMS: atom_id res chain seq x y z
N GLY A 14 11.93 27.73 9.54
CA GLY A 14 11.92 27.36 10.94
C GLY A 14 10.55 26.95 11.44
N GLU A 15 9.51 27.69 11.02
CA GLU A 15 8.14 27.32 11.33
C GLU A 15 7.50 26.47 10.26
N GLU A 16 8.17 26.30 9.12
CA GLU A 16 7.97 25.25 8.13
C GLU A 16 7.64 23.92 8.77
N TRP A 17 7.05 23.02 7.98
CA TRP A 17 6.87 21.63 8.36
C TRP A 17 7.49 20.75 7.29
N GLU A 18 8.15 19.69 7.71
CA GLU A 18 8.64 18.67 6.79
C GLU A 18 7.47 17.80 6.33
N PHE A 19 7.34 17.66 5.00
CA PHE A 19 6.30 16.83 4.40
C PHE A 19 6.94 15.67 3.65
N GLU A 20 6.46 14.47 3.91
CA GLU A 20 6.78 13.31 3.09
C GLU A 20 5.68 13.17 2.03
N VAL A 21 6.05 13.33 0.77
CA VAL A 21 5.11 13.24 -0.35
C VAL A 21 5.29 11.90 -1.05
N THR A 22 4.21 11.15 -1.20
CA THR A 22 4.21 9.87 -1.91
C THR A 22 3.09 9.88 -2.94
N ALA A 23 3.45 9.81 -4.23
CA ALA A 23 2.45 9.83 -5.29
C ALA A 23 2.19 8.42 -5.81
N PHE A 24 0.92 8.15 -6.15
CA PHE A 24 0.50 6.88 -6.73
C PHE A 24 -0.22 7.19 -8.02
N TYR A 25 0.11 6.45 -9.09
CA TYR A 25 -0.69 6.47 -10.31
C TYR A 25 -1.34 5.09 -10.44
N ARG A 26 -2.67 5.07 -10.44
CA ARG A 26 -3.41 3.83 -10.66
C ARG A 26 -2.89 2.74 -9.73
N GLY A 27 -2.79 3.08 -8.45
CA GLY A 27 -2.47 2.06 -7.47
C GLY A 27 -1.06 1.56 -7.53
N ARG A 28 -0.13 2.35 -8.05
CA ARG A 28 1.29 2.05 -8.10
C ARG A 28 2.05 3.23 -7.53
N GLN A 29 2.94 3.00 -6.55
CA GLN A 29 3.75 4.10 -6.06
C GLN A 29 4.76 4.51 -7.14
N VAL A 30 4.76 5.80 -7.50
CA VAL A 30 5.62 6.31 -8.55
C VAL A 30 6.62 7.36 -8.07
N PHE A 31 6.50 7.85 -6.84
CA PHE A 31 7.31 8.99 -6.42
C PHE A 31 7.29 9.08 -4.91
N GLN A 32 8.42 9.44 -4.31
CA GLN A 32 8.46 9.75 -2.89
C GLN A 32 9.60 10.71 -2.60
N GLN A 33 9.28 11.82 -1.93
CA GLN A 33 10.27 12.84 -1.59
C GLN A 33 9.85 13.47 -0.26
N THR A 34 10.83 13.82 0.55
CA THR A 34 10.62 14.48 1.83
C THR A 34 11.21 15.88 1.74
N ILE A 35 10.36 16.89 1.93
CA ILE A 35 10.73 18.29 1.70
C ILE A 35 10.30 19.13 2.88
N SER A 36 11.23 19.94 3.41
CA SER A 36 10.99 20.87 4.51
C SER A 36 11.42 22.25 4.04
N CYS A 37 10.48 23.00 3.46
CA CYS A 37 10.69 24.31 2.86
C CYS A 37 9.93 25.38 3.65
N PRO A 38 10.56 26.52 3.94
CA PRO A 38 9.85 27.60 4.65
C PRO A 38 8.54 28.03 4.01
N GLU A 39 8.40 27.93 2.69
CA GLU A 39 7.20 28.37 2.00
C GLU A 39 6.29 27.21 1.61
N GLY A 40 6.52 26.02 2.18
CA GLY A 40 5.69 24.88 1.83
C GLY A 40 6.06 24.37 0.45
N LEU A 41 5.13 23.62 -0.14
CA LEU A 41 5.37 23.01 -1.43
C LEU A 41 4.25 23.29 -2.40
N ARG A 42 4.54 23.02 -3.67
CA ARG A 42 3.59 23.05 -4.77
C ARG A 42 3.79 21.79 -5.58
N LEU A 43 2.77 20.94 -5.64
CA LEU A 43 2.82 19.75 -6.48
C LEU A 43 2.54 20.14 -7.93
N VAL A 44 3.51 19.97 -8.81
CA VAL A 44 3.41 20.45 -10.19
C VAL A 44 3.62 19.28 -11.15
N GLY A 45 3.27 19.53 -12.41
CA GLY A 45 3.34 18.48 -13.42
C GLY A 45 4.34 18.74 -14.52
N SER A 46 5.35 19.56 -14.26
CA SER A 46 6.39 19.85 -15.25
C SER A 46 7.53 20.57 -14.54
N GLU A 47 8.52 21.01 -15.31
CA GLU A 47 9.66 21.76 -14.78
C GLU A 47 9.93 22.99 -15.63
N LEU A 53 6.42 31.97 -8.35
CA LEU A 53 5.53 31.38 -7.36
C LEU A 53 6.28 30.89 -6.13
N PRO A 54 5.78 31.23 -4.94
CA PRO A 54 6.36 30.70 -3.72
C PRO A 54 6.01 29.22 -3.54
N GLY A 55 6.78 28.56 -2.67
CA GLY A 55 6.61 27.14 -2.49
C GLY A 55 7.58 26.31 -3.31
N TRP A 56 8.06 25.23 -2.75
CA TRP A 56 9.03 24.39 -3.42
C TRP A 56 8.31 23.53 -4.47
N PRO A 57 8.64 23.66 -5.75
CA PRO A 57 7.97 22.84 -6.78
C PRO A 57 8.42 21.38 -6.68
N VAL A 58 7.45 20.51 -6.48
CA VAL A 58 7.67 19.07 -6.44
C VAL A 58 7.06 18.48 -7.70
N THR A 59 7.90 18.08 -8.65
CA THR A 59 7.38 17.66 -9.95
C THR A 59 6.96 16.20 -9.90
N LEU A 60 5.68 15.96 -10.12
CA LEU A 60 5.17 14.60 -10.22
C LEU A 60 5.69 13.99 -11.52
N PRO A 61 6.20 12.76 -11.50
CA PRO A 61 6.96 12.25 -12.64
C PRO A 61 6.07 11.89 -13.82
N ASP A 62 6.66 11.93 -15.00
CA ASP A 62 5.96 11.42 -16.18
C ASP A 62 5.62 9.95 -15.96
N PRO A 63 4.39 9.52 -16.23
CA PRO A 63 4.02 8.13 -15.95
C PRO A 63 4.73 7.11 -16.82
N GLY A 64 5.42 7.53 -17.88
CA GLY A 64 6.19 6.57 -18.66
C GLY A 64 7.39 6.01 -17.95
N MET A 65 7.77 6.60 -16.82
CA MET A 65 8.90 6.08 -16.05
C MET A 65 8.51 4.81 -15.31
N SER A 66 7.28 4.74 -14.81
CA SER A 66 6.86 3.66 -13.93
C SER A 66 5.68 2.84 -14.43
N LEU A 67 4.89 3.34 -15.39
CA LEU A 67 3.72 2.61 -15.86
C LEU A 67 3.94 2.07 -17.26
N THR A 68 3.07 1.14 -17.66
CA THR A 68 3.10 0.57 -19.01
C THR A 68 1.72 0.53 -19.68
N ASP A 69 0.63 0.70 -18.94
CA ASP A 69 -0.70 0.79 -19.53
C ASP A 69 -0.82 2.13 -20.27
N ARG A 70 -0.87 2.08 -21.60
CA ARG A 70 -0.79 3.31 -22.39
C ARG A 70 -2.02 4.19 -22.23
N GLY A 71 -3.20 3.59 -21.99
CA GLY A 71 -4.39 4.41 -21.74
C GLY A 71 -4.30 5.17 -20.43
N VAL A 72 -3.88 4.48 -19.36
CA VAL A 72 -3.69 5.15 -18.07
C VAL A 72 -2.61 6.20 -18.19
N MET A 73 -1.52 5.89 -18.90
CA MET A 73 -0.44 6.86 -19.06
C MET A 73 -0.93 8.12 -19.74
N SER A 74 -1.76 7.97 -20.79
N SER A 74 -1.76 7.98 -20.78
CA SER A 74 -2.29 9.14 -21.49
CA SER A 74 -2.29 9.15 -21.49
C SER A 74 -3.12 10.01 -20.55
C SER A 74 -3.13 10.01 -20.56
N TYR A 75 -4.02 9.40 -19.78
CA TYR A 75 -4.89 10.17 -18.90
C TYR A 75 -4.12 10.82 -17.76
N VAL A 76 -3.15 10.09 -17.18
CA VAL A 76 -2.30 10.70 -16.16
C VAL A 76 -1.55 11.89 -16.74
N ARG A 77 -0.98 11.73 -17.94
CA ARG A 77 -0.28 12.84 -18.56
C ARG A 77 -1.19 14.04 -18.75
N HIS A 78 -2.45 13.80 -19.13
CA HIS A 78 -3.40 14.90 -19.28
C HIS A 78 -3.65 15.60 -17.94
N VAL A 79 -3.90 14.82 -16.89
CA VAL A 79 -4.11 15.42 -15.57
C VAL A 79 -2.90 16.27 -15.17
N LEU A 80 -1.68 15.73 -15.36
CA LEU A 80 -0.48 16.47 -14.94
C LEU A 80 -0.28 17.74 -15.76
N SER A 81 -0.72 17.75 -17.02
CA SER A 81 -0.54 18.94 -17.84
C SER A 81 -1.52 20.05 -17.48
N CYS A 82 -2.50 19.79 -16.62
CA CYS A 82 -3.47 20.81 -16.22
C CYS A 82 -3.26 21.28 -14.79
N LEU A 83 -2.13 20.93 -14.18
CA LEU A 83 -1.89 21.34 -12.80
C LEU A 83 -1.55 22.82 -12.68
N GLY A 84 -1.01 23.44 -13.74
CA GLY A 84 -0.69 24.86 -13.67
C GLY A 84 0.39 25.16 -12.64
N GLY A 85 0.19 26.24 -11.88
CA GLY A 85 1.05 26.57 -10.76
C GLY A 85 1.06 25.53 -9.66
N GLY A 86 0.12 24.61 -9.65
CA GLY A 86 0.21 23.40 -8.86
C GLY A 86 -0.75 23.38 -7.69
N LEU A 87 -0.63 22.31 -6.92
CA LEU A 87 -1.35 22.16 -5.66
C LEU A 87 -0.45 22.67 -4.54
N ALA A 88 -0.76 23.83 -3.99
CA ALA A 88 0.05 24.44 -2.94
C ALA A 88 -0.38 23.93 -1.57
N LEU A 89 0.60 23.61 -0.73
CA LEU A 89 0.35 23.13 0.62
C LEU A 89 1.36 23.78 1.55
N TRP A 90 0.90 24.43 2.60
CA TRP A 90 1.84 25.03 3.54
C TRP A 90 1.22 25.17 4.91
N ARG A 91 2.09 25.29 5.92
CA ARG A 91 1.69 25.52 7.30
C ARG A 91 1.77 27.01 7.65
N ALA A 92 0.74 27.48 8.35
CA ALA A 92 0.74 28.83 8.92
C ALA A 92 -0.02 28.75 10.23
N GLY A 93 0.70 28.85 11.35
CA GLY A 93 0.05 28.80 12.64
C GLY A 93 -0.48 27.41 12.92
N GLN A 94 -1.73 27.34 13.37
CA GLN A 94 -2.33 26.06 13.72
C GLN A 94 -2.82 25.28 12.51
N TRP A 95 -2.81 25.87 11.31
CA TRP A 95 -3.45 25.26 10.15
C TRP A 95 -2.47 24.87 9.06
N LEU A 96 -2.73 23.73 8.43
CA LEU A 96 -2.24 23.45 7.09
C LEU A 96 -3.22 24.02 6.08
N TRP A 97 -2.69 24.72 5.09
CA TRP A 97 -3.49 25.39 4.07
C TRP A 97 -3.20 24.75 2.73
N ALA A 98 -4.22 24.67 1.89
CA ALA A 98 -4.09 24.13 0.54
C ALA A 98 -4.77 25.04 -0.46
N GLN A 99 -4.19 25.14 -1.66
CA GLN A 99 -4.78 25.96 -2.69
C GLN A 99 -4.48 25.34 -4.04
N ARG A 100 -5.49 25.35 -4.90
CA ARG A 100 -5.41 24.75 -6.22
C ARG A 100 -5.15 25.88 -7.21
N LEU A 101 -3.96 25.87 -7.84
CA LEU A 101 -3.52 26.94 -8.71
C LEU A 101 -3.68 26.61 -10.18
N GLY A 102 -4.16 25.41 -10.50
CA GLY A 102 -4.40 25.03 -11.88
C GLY A 102 -5.83 24.59 -12.10
N HIS A 103 -6.07 23.73 -13.10
CA HIS A 103 -7.42 23.43 -13.54
C HIS A 103 -7.96 22.09 -13.05
N CYS A 104 -7.11 21.24 -12.47
CA CYS A 104 -7.56 19.95 -11.95
C CYS A 104 -8.26 20.15 -10.62
N HIS A 105 -9.56 19.86 -10.57
CA HIS A 105 -10.23 19.76 -9.28
C HIS A 105 -9.55 18.71 -8.41
N THR A 106 -9.32 19.03 -7.14
CA THR A 106 -8.60 18.13 -6.24
C THR A 106 -9.37 17.98 -4.94
N TYR A 107 -9.59 16.74 -4.52
CA TYR A 107 -10.35 16.46 -3.30
C TYR A 107 -9.44 15.79 -2.28
N TRP A 108 -9.68 16.09 -1.01
CA TRP A 108 -8.74 15.69 0.02
C TRP A 108 -9.47 15.04 1.18
N ALA A 109 -8.74 14.19 1.89
CA ALA A 109 -9.21 13.58 3.12
C ALA A 109 -8.00 13.27 4.00
N VAL A 110 -8.22 13.29 5.31
CA VAL A 110 -7.24 12.80 6.28
C VAL A 110 -7.57 11.34 6.56
N SER A 111 -6.58 10.47 6.38
CA SER A 111 -6.85 9.05 6.50
C SER A 111 -5.62 8.33 7.03
N GLU A 112 -5.35 7.14 6.51
CA GLU A 112 -4.29 6.30 7.03
C GLU A 112 -3.11 6.25 6.06
N GLU A 113 -2.00 5.70 6.55
CA GLU A 113 -0.77 5.71 5.76
C GLU A 113 -0.91 4.89 4.48
N LEU A 114 -1.53 3.72 4.56
CA LEU A 114 -1.61 2.85 3.39
C LEU A 114 -3.01 2.74 2.81
N LEU A 115 -3.95 3.58 3.26
CA LEU A 115 -5.31 3.50 2.75
C LEU A 115 -5.91 4.91 2.69
N PRO A 116 -6.19 5.44 1.49
CA PRO A 116 -6.77 6.79 1.42
C PRO A 116 -8.18 6.88 1.96
N ASN A 117 -8.96 5.79 1.90
CA ASN A 117 -10.36 5.85 2.29
C ASN A 117 -10.48 5.92 3.81
N SER A 118 -11.27 6.87 4.28
CA SER A 118 -11.65 6.91 5.69
C SER A 118 -13.00 6.25 5.94
N GLY A 119 -13.75 5.95 4.89
CA GLY A 119 -15.13 5.52 5.03
C GLY A 119 -16.13 6.66 5.04
N HIS A 120 -15.71 7.88 5.33
CA HIS A 120 -16.67 8.99 5.26
C HIS A 120 -16.33 9.95 4.13
N GLY A 121 -16.15 9.44 2.92
CA GLY A 121 -15.99 10.26 1.73
C GLY A 121 -14.84 11.23 1.88
N PRO A 122 -14.77 12.23 1.01
CA PRO A 122 -13.73 13.24 1.15
C PRO A 122 -14.07 14.19 2.29
N ASP A 123 -13.04 14.84 2.81
CA ASP A 123 -13.23 15.86 3.82
C ASP A 123 -13.44 17.24 3.20
N GLY A 124 -13.09 17.41 1.94
CA GLY A 124 -13.33 18.68 1.29
C GLY A 124 -12.75 18.70 -0.10
N GLU A 125 -13.00 19.81 -0.80
CA GLU A 125 -12.35 20.10 -2.07
C GLU A 125 -11.38 21.26 -1.90
N VAL A 126 -10.19 21.13 -2.48
CA VAL A 126 -9.20 22.20 -2.41
C VAL A 126 -9.68 23.41 -3.19
N PRO A 127 -9.74 24.58 -2.57
CA PRO A 127 -10.24 25.77 -3.26
C PRO A 127 -9.19 26.38 -4.18
N LYS A 128 -9.68 27.19 -5.12
CA LYS A 128 -8.83 27.87 -6.08
C LYS A 128 -8.66 29.36 -5.80
N ASP A 129 -9.75 30.08 -5.56
CA ASP A 129 -9.65 31.54 -5.47
C ASP A 129 -8.93 31.99 -4.22
N LYS A 130 -8.98 31.19 -3.17
CA LYS A 130 -8.32 31.51 -1.91
C LYS A 130 -7.81 30.21 -1.33
N GLU A 131 -6.88 30.31 -0.37
CA GLU A 131 -6.45 29.10 0.32
C GLU A 131 -7.57 28.61 1.24
N GLY A 132 -7.47 27.34 1.59
CA GLY A 132 -8.45 26.72 2.48
C GLY A 132 -7.75 25.82 3.48
N GLY A 133 -8.31 25.76 4.68
CA GLY A 133 -7.69 24.94 5.72
C GLY A 133 -7.97 23.47 5.46
N VAL A 134 -6.94 22.64 5.59
CA VAL A 134 -7.12 21.20 5.42
C VAL A 134 -6.67 20.40 6.62
N PHE A 135 -6.04 21.03 7.61
CA PHE A 135 -5.64 20.32 8.83
C PHE A 135 -5.46 21.33 9.96
N ASP A 136 -6.12 21.07 11.09
CA ASP A 136 -6.06 21.94 12.26
C ASP A 136 -5.26 21.23 13.35
N LEU A 137 -4.10 21.79 13.69
CA LEU A 137 -3.25 21.17 14.69
C LEU A 137 -3.92 21.11 16.05
N GLY A 138 -4.84 22.04 16.31
CA GLY A 138 -5.51 22.12 17.59
C GLY A 138 -6.23 20.84 18.00
N PRO A 139 -7.20 20.40 17.20
CA PRO A 139 -7.90 19.16 17.55
C PRO A 139 -7.03 17.93 17.43
N PHE A 140 -5.98 17.96 16.60
CA PHE A 140 -5.03 16.85 16.60
C PHE A 140 -4.39 16.71 17.96
N ILE A 141 -3.95 17.82 18.56
CA ILE A 141 -3.28 17.72 19.85
C ILE A 141 -4.27 17.30 20.93
N VAL A 142 -5.50 17.81 20.88
CA VAL A 142 -6.52 17.34 21.81
C VAL A 142 -6.66 15.82 21.72
N ASP A 143 -6.80 15.32 20.48
CA ASP A 143 -6.99 13.88 20.30
C ASP A 143 -5.72 13.09 20.63
N LEU A 144 -4.55 13.68 20.41
CA LEU A 144 -3.32 13.03 20.84
C LEU A 144 -3.29 12.89 22.35
N ILE A 145 -3.69 13.94 23.06
CA ILE A 145 -3.68 13.87 24.52
C ILE A 145 -4.68 12.83 25.01
N THR A 146 -5.89 12.80 24.44
CA THR A 146 -6.83 11.79 24.94
C THR A 146 -6.41 10.39 24.54
N PHE A 147 -5.67 10.25 23.44
CA PHE A 147 -5.12 8.95 23.09
C PHE A 147 -4.13 8.47 24.16
N THR A 148 -3.27 9.38 24.66
CA THR A 148 -2.37 8.98 25.74
C THR A 148 -3.14 8.66 27.02
N GLU A 149 -4.36 9.16 27.15
CA GLU A 149 -5.16 8.95 28.35
C GLU A 149 -6.04 7.71 28.25
N GLY A 150 -6.02 6.97 27.14
CA GLY A 150 -6.79 5.77 26.98
C GLY A 150 -7.98 5.85 26.04
N SER A 151 -8.04 6.83 25.13
CA SER A 151 -9.19 6.91 24.24
C SER A 151 -9.28 5.71 23.32
N GLY A 152 -8.15 5.06 23.01
CA GLY A 152 -8.19 3.92 22.11
C GLY A 152 -8.21 4.27 20.65
N ARG A 153 -8.06 5.55 20.30
CA ARG A 153 -8.12 6.01 18.92
C ARG A 153 -6.94 6.94 18.64
N SER A 154 -6.07 6.54 17.73
CA SER A 154 -4.97 7.45 17.45
C SER A 154 -5.42 8.54 16.47
N PRO A 155 -4.96 9.76 16.64
CA PRO A 155 -5.36 10.84 15.72
C PRO A 155 -4.73 10.62 14.36
N ARG A 156 -5.49 10.91 13.32
CA ARG A 156 -5.02 10.73 11.95
C ARG A 156 -4.26 11.97 11.47
N TYR A 157 -3.31 11.74 10.57
CA TYR A 157 -2.46 12.82 10.09
C TYR A 157 -2.08 12.70 8.62
N ALA A 158 -2.40 11.61 7.94
CA ALA A 158 -2.00 11.42 6.55
C ALA A 158 -3.01 12.10 5.64
N LEU A 159 -2.58 13.18 4.98
CA LEU A 159 -3.41 13.83 4.00
C LEU A 159 -3.33 13.10 2.67
N TRP A 160 -4.49 12.90 2.05
CA TRP A 160 -4.58 12.31 0.74
C TRP A 160 -5.29 13.26 -0.20
N PHE A 161 -4.74 13.41 -1.39
CA PHE A 161 -5.31 14.27 -2.43
C PHE A 161 -5.62 13.44 -3.65
N CYS A 162 -6.87 13.46 -4.08
CA CYS A 162 -7.31 12.83 -5.32
C CYS A 162 -7.35 13.91 -6.37
N VAL A 163 -6.53 13.79 -7.42
CA VAL A 163 -6.27 14.88 -8.36
C VAL A 163 -6.95 14.56 -9.69
N GLY A 164 -7.88 15.44 -10.09
CA GLY A 164 -8.47 15.37 -11.41
C GLY A 164 -9.67 14.44 -11.55
N GLU A 165 -10.08 13.78 -10.47
CA GLU A 165 -11.20 12.86 -10.46
C GLU A 165 -11.93 13.00 -9.13
N SER A 166 -13.19 12.60 -9.11
CA SER A 166 -13.90 12.66 -7.83
C SER A 166 -13.26 11.69 -6.83
N TRP A 167 -13.50 11.95 -5.55
CA TRP A 167 -12.96 11.10 -4.51
C TRP A 167 -13.49 9.68 -4.66
N PRO A 168 -12.65 8.65 -4.49
CA PRO A 168 -13.10 7.25 -4.68
C PRO A 168 -13.95 6.71 -3.52
N GLN A 169 -15.23 7.07 -3.54
CA GLN A 169 -16.19 6.52 -2.58
C GLN A 169 -16.67 5.14 -3.01
N ASP A 170 -17.14 5.01 -4.25
CA ASP A 170 -17.75 3.78 -4.75
C ASP A 170 -16.81 2.95 -5.62
N GLN A 171 -15.51 3.26 -5.61
CA GLN A 171 -14.53 2.49 -6.35
C GLN A 171 -13.29 2.30 -5.48
N PRO A 172 -12.53 1.24 -5.71
CA PRO A 172 -11.24 1.11 -5.02
C PRO A 172 -10.32 2.26 -5.40
N TRP A 173 -9.59 2.77 -4.41
CA TRP A 173 -8.72 3.92 -4.65
C TRP A 173 -7.66 3.63 -5.69
N THR A 174 -7.28 2.36 -5.85
CA THR A 174 -6.26 1.99 -6.82
C THR A 174 -6.71 2.21 -8.26
N LYS A 175 -7.99 2.52 -8.49
CA LYS A 175 -8.40 2.87 -9.84
C LYS A 175 -8.08 4.32 -10.20
N ARG A 176 -7.85 5.16 -9.20
CA ARG A 176 -7.73 6.59 -9.46
C ARG A 176 -6.40 6.89 -10.14
N LEU A 177 -6.44 7.84 -11.07
CA LEU A 177 -5.28 8.15 -11.90
C LEU A 177 -4.12 8.70 -11.06
N VAL A 178 -4.41 9.66 -10.20
CA VAL A 178 -3.38 10.40 -9.47
C VAL A 178 -3.85 10.58 -8.03
N MET A 179 -3.18 9.89 -7.09
CA MET A 179 -3.47 9.99 -5.67
C MET A 179 -2.17 10.37 -4.99
N VAL A 180 -2.19 11.41 -4.16
CA VAL A 180 -0.97 11.87 -3.52
C VAL A 180 -1.17 11.89 -2.02
N LYS A 181 -0.30 11.17 -1.30
CA LYS A 181 -0.30 11.20 0.15
C LYS A 181 0.75 12.21 0.62
N VAL A 182 0.37 13.05 1.57
CA VAL A 182 1.30 14.01 2.16
C VAL A 182 1.23 13.83 3.66
N VAL A 183 2.34 13.44 4.27
CA VAL A 183 2.42 13.23 5.71
C VAL A 183 3.30 14.32 6.31
N PRO A 184 2.77 15.18 7.20
CA PRO A 184 3.65 16.02 8.02
C PRO A 184 4.37 15.15 9.02
N THR A 185 5.69 14.99 8.85
CA THR A 185 6.38 13.92 9.57
C THR A 185 6.42 14.17 11.06
N CYS A 186 6.34 15.43 11.50
CA CYS A 186 6.34 15.66 12.94
C CYS A 186 5.09 15.12 13.59
N LEU A 187 3.98 15.06 12.85
CA LEU A 187 2.74 14.51 13.43
C LEU A 187 2.83 12.99 13.53
N ARG A 188 3.30 12.34 12.46
CA ARG A 188 3.64 10.93 12.53
C ARG A 188 4.48 10.62 13.77
N ALA A 189 5.52 11.40 14.01
CA ALA A 189 6.42 11.15 15.14
C ALA A 189 5.70 11.30 16.47
N LEU A 190 4.79 12.28 16.57
CA LEU A 190 4.11 12.50 17.84
C LEU A 190 3.19 11.33 18.17
N VAL A 191 2.56 10.74 17.15
CA VAL A 191 1.72 9.57 17.40
C VAL A 191 2.58 8.38 17.80
N GLU A 192 3.75 8.24 17.18
CA GLU A 192 4.66 7.18 17.59
C GLU A 192 5.11 7.37 19.04
N MET A 193 5.38 8.61 19.45
CA MET A 193 5.76 8.86 20.84
C MET A 193 4.65 8.41 21.80
N ALA A 194 3.39 8.63 21.43
CA ALA A 194 2.30 8.20 22.29
C ALA A 194 2.24 6.67 22.38
N ARG A 195 2.47 5.99 21.26
CA ARG A 195 2.49 4.53 21.25
C ARG A 195 3.65 4.00 22.10
N VAL A 196 4.85 4.59 21.93
CA VAL A 196 5.99 4.16 22.74
C VAL A 196 5.68 4.35 24.22
N GLY A 197 4.96 5.42 24.56
CA GLY A 197 4.55 5.64 25.93
C GLY A 197 3.46 4.72 26.43
N GLY A 198 2.85 3.91 25.56
CA GLY A 198 1.88 2.92 26.01
C GLY A 198 0.47 3.07 25.47
N ALA A 199 0.17 4.06 24.63
CA ALA A 199 -1.17 4.17 24.07
C ALA A 199 -1.39 3.13 22.98
N SER A 200 -2.57 2.51 22.99
CA SER A 200 -2.92 1.51 21.97
C SER A 200 -4.26 1.85 21.32
N LEU A 202 -5.73 -0.69 19.58
CA LEU A 202 -6.28 -2.02 19.27
C LEU A 202 -7.71 -2.13 19.81
N GLU A 203 -8.63 -2.58 18.96
CA GLU A 203 -10.05 -2.62 19.31
C GLU A 203 -10.33 -3.67 20.39
N ASN A 204 -11.14 -3.31 21.38
CA ASN A 204 -11.51 -4.29 22.40
C ASN A 204 -12.32 -5.45 21.83
N THR A 205 -12.83 -5.33 20.61
CA THR A 205 -13.62 -6.37 19.97
C THR A 205 -12.79 -7.25 19.03
N VAL A 206 -11.47 -7.09 19.02
CA VAL A 206 -10.62 -7.95 18.20
C VAL A 206 -10.85 -9.41 18.57
N ASP A 207 -11.03 -10.26 17.56
CA ASP A 207 -11.39 -11.66 17.76
C ASP A 207 -10.44 -12.53 16.95
N LEU A 208 -9.45 -13.12 17.61
CA LEU A 208 -8.53 -14.02 16.94
C LEU A 208 -9.21 -15.33 16.59
N HIS A 209 -8.87 -15.87 15.42
CA HIS A 209 -9.38 -17.16 14.95
C HIS A 209 -8.23 -18.15 15.01
N ILE A 210 -8.03 -18.76 16.19
CA ILE A 210 -6.93 -19.70 16.42
C ILE A 210 -7.51 -20.94 17.09
N SER A 211 -7.35 -22.09 16.47
CA SER A 211 -7.91 -23.32 17.00
C SER A 211 -6.85 -24.14 17.74
N ASP B 5 14.40 13.76 27.65
CA ASP B 5 13.88 12.48 28.16
C ASP B 5 12.66 12.01 27.38
N LEU B 6 11.83 12.95 26.91
CA LEU B 6 10.70 12.58 26.07
C LEU B 6 11.15 12.18 24.68
N LEU B 7 12.18 12.86 24.15
CA LEU B 7 12.66 12.54 22.81
C LEU B 7 13.32 11.18 22.73
N ARG B 8 13.69 10.58 23.87
CA ARG B 8 14.15 9.19 23.84
C ARG B 8 13.07 8.26 23.30
N THR B 9 11.79 8.56 23.60
CA THR B 9 10.68 7.78 23.06
C THR B 9 10.46 8.02 21.58
N LEU B 10 11.31 8.80 20.93
CA LEU B 10 11.28 8.96 19.48
C LEU B 10 12.22 7.91 18.92
N LYS B 11 11.69 6.70 18.70
CA LYS B 11 12.54 5.57 18.33
C LYS B 11 12.91 5.59 16.86
N SER B 12 12.02 6.09 16.00
CA SER B 12 12.34 6.17 14.58
C SER B 12 13.46 7.18 14.35
N PRO B 13 14.40 6.90 13.46
CA PRO B 13 15.34 7.94 13.04
C PRO B 13 14.57 9.05 12.34
N SER B 14 15.13 10.26 12.36
CA SER B 14 14.45 11.38 11.76
C SER B 14 15.47 12.43 11.34
N SER B 15 15.01 13.36 10.52
CA SER B 15 15.82 14.49 10.12
C SER B 15 15.87 15.52 11.25
N PRO B 16 16.90 16.37 11.25
CA PRO B 16 16.90 17.50 12.20
C PRO B 16 15.67 18.37 12.06
N GLN B 17 15.13 18.49 10.85
CA GLN B 17 13.98 19.34 10.64
C GLN B 17 12.75 18.77 11.34
N GLN B 18 12.53 17.46 11.20
CA GLN B 18 11.39 16.84 11.87
C GLN B 18 11.53 16.97 13.38
N GLN B 19 12.73 16.74 13.89
CA GLN B 19 12.95 16.81 15.34
C GLN B 19 12.68 18.20 15.89
N GLN B 20 13.21 19.23 15.22
CA GLN B 20 12.95 20.60 15.68
C GLN B 20 11.46 20.89 15.63
N GLN B 21 10.77 20.36 14.62
CA GLN B 21 9.33 20.62 14.52
C GLN B 21 8.57 19.92 15.64
N VAL B 22 8.99 18.71 16.01
CA VAL B 22 8.39 18.05 17.18
C VAL B 22 8.65 18.86 18.44
N LEU B 23 9.91 19.28 18.62
CA LEU B 23 10.26 20.05 19.82
C LEU B 23 9.46 21.34 19.90
N ASN B 24 9.24 22.01 18.76
CA ASN B 24 8.46 23.24 18.79
C ASN B 24 7.02 22.99 19.21
N ILE B 25 6.41 21.88 18.73
CA ILE B 25 5.04 21.57 19.14
C ILE B 25 5.00 21.26 20.63
N LEU B 26 6.00 20.51 21.12
CA LEU B 26 6.08 20.21 22.55
C LEU B 26 6.25 21.49 23.36
N LYS B 27 7.16 22.38 22.94
CA LYS B 27 7.40 23.59 23.70
C LYS B 27 6.17 24.50 23.73
N SER B 28 5.40 24.52 22.63
N SER B 28 5.40 24.52 22.65
CA SER B 28 4.22 25.36 22.57
CA SER B 28 4.23 25.39 22.61
C SER B 28 3.03 24.77 23.30
C SER B 28 2.99 24.76 23.22
N ASN B 29 3.05 23.48 23.60
CA ASN B 29 1.91 22.77 24.19
C ASN B 29 2.34 22.04 25.45
N PRO B 30 2.63 22.78 26.52
CA PRO B 30 3.05 22.11 27.77
C PRO B 30 2.04 21.10 28.28
N GLN B 31 0.77 21.22 27.91
CA GLN B 31 -0.23 20.22 28.32
C GLN B 31 -0.02 18.90 27.57
N LEU B 32 0.48 18.96 26.35
CA LEU B 32 0.88 17.74 25.66
C LEU B 32 2.12 17.13 26.29
N MET B 33 3.10 17.97 26.63
CA MET B 33 4.27 17.49 27.37
C MET B 33 3.85 16.80 28.66
N ALA B 34 2.92 17.42 29.40
CA ALA B 34 2.45 16.82 30.64
C ALA B 34 1.77 15.49 30.41
N ALA B 35 1.00 15.39 29.32
CA ALA B 35 0.32 14.13 29.03
C ALA B 35 1.32 13.02 28.71
N PHE B 36 2.40 13.33 27.99
CA PHE B 36 3.43 12.34 27.74
C PHE B 36 4.13 11.94 29.04
N ILE B 37 4.44 12.92 29.90
CA ILE B 37 5.07 12.60 31.18
C ILE B 37 4.18 11.71 32.02
N LYS B 38 2.86 11.98 32.00
CA LYS B 38 1.94 11.25 32.86
C LYS B 38 1.80 9.79 32.44
N GLN B 39 1.94 9.49 31.14
CA GLN B 39 1.73 8.09 30.76
C GLN B 39 2.94 7.23 31.11
N ARG B 40 4.08 7.84 31.42
CA ARG B 40 5.18 7.13 32.09
C ARG B 40 4.84 6.91 33.56
N LEU C 10 9.19 -34.27 -3.72
CA LEU C 10 9.27 -34.85 -5.06
C LEU C 10 8.76 -33.85 -6.10
N LEU C 11 8.49 -32.63 -5.64
CA LEU C 11 8.32 -31.49 -6.55
C LEU C 11 9.61 -31.29 -7.36
N VAL C 12 9.45 -31.02 -8.65
CA VAL C 12 10.56 -31.08 -9.60
C VAL C 12 11.25 -29.72 -9.62
N PRO C 13 12.54 -29.64 -9.30
CA PRO C 13 13.22 -28.34 -9.31
C PRO C 13 13.24 -27.74 -10.71
N GLY C 14 13.02 -26.42 -10.77
CA GLY C 14 12.91 -25.74 -12.03
C GLY C 14 11.50 -25.58 -12.56
N GLU C 15 10.51 -26.19 -11.89
CA GLU C 15 9.11 -25.95 -12.18
C GLU C 15 8.45 -25.03 -11.15
N GLU C 16 9.16 -24.72 -10.08
CA GLU C 16 8.71 -23.79 -9.07
C GLU C 16 8.47 -22.41 -9.67
N TRP C 17 7.88 -21.56 -8.84
CA TRP C 17 7.66 -20.16 -9.16
C TRP C 17 8.32 -19.29 -8.11
N GLU C 18 8.82 -18.15 -8.55
CA GLU C 18 9.32 -17.14 -7.62
C GLU C 18 8.16 -16.38 -7.00
N PHE C 19 8.17 -16.24 -5.68
CA PHE C 19 7.15 -15.49 -4.95
C PHE C 19 7.78 -14.28 -4.28
N GLU C 20 7.19 -13.11 -4.49
CA GLU C 20 7.51 -11.94 -3.71
C GLU C 20 6.54 -11.88 -2.54
N VAL C 21 7.06 -11.97 -1.33
CA VAL C 21 6.27 -11.96 -0.10
C VAL C 21 6.40 -10.59 0.54
N THR C 22 5.28 -9.92 0.80
CA THR C 22 5.29 -8.63 1.50
C THR C 22 4.33 -8.74 2.68
N ALA C 23 4.85 -8.58 3.91
CA ALA C 23 4.00 -8.71 5.09
C ALA C 23 3.66 -7.34 5.65
N PHE C 24 2.43 -7.22 6.15
CA PHE C 24 1.91 -6.01 6.76
C PHE C 24 1.39 -6.36 8.15
N TYR C 25 1.79 -5.60 9.17
CA TYR C 25 1.14 -5.67 10.47
C TYR C 25 0.39 -4.36 10.68
N ARG C 26 -0.92 -4.46 10.94
CA ARG C 26 -1.73 -3.29 11.26
C ARG C 26 -1.48 -2.16 10.26
N GLY C 27 -1.52 -2.50 8.97
CA GLY C 27 -1.45 -1.47 7.96
C GLY C 27 -0.10 -0.81 7.84
N ARG C 28 0.97 -1.53 8.17
CA ARG C 28 2.34 -1.04 8.03
C ARG C 28 3.16 -2.16 7.42
N GLN C 29 3.92 -1.85 6.36
CA GLN C 29 4.75 -2.89 5.77
C GLN C 29 5.93 -3.20 6.69
N VAL C 30 6.12 -4.48 7.01
CA VAL C 30 7.14 -4.87 7.98
C VAL C 30 8.18 -5.81 7.40
N PHE C 31 8.00 -6.31 6.18
CA PHE C 31 8.85 -7.38 5.68
C PHE C 31 8.62 -7.55 4.19
N GLN C 32 9.71 -7.84 3.46
CA GLN C 32 9.59 -8.19 2.05
C GLN C 32 10.74 -9.10 1.68
N GLN C 33 10.43 -10.23 1.04
CA GLN C 33 11.44 -11.20 0.63
C GLN C 33 10.96 -11.85 -0.66
N THR C 34 11.88 -12.09 -1.58
CA THR C 34 11.58 -12.77 -2.83
C THR C 34 12.31 -14.11 -2.82
N ILE C 35 11.57 -15.18 -3.03
CA ILE C 35 12.08 -16.53 -2.83
C ILE C 35 11.58 -17.42 -3.96
N SER C 36 12.48 -18.18 -4.58
CA SER C 36 12.14 -19.10 -5.68
C SER C 36 12.67 -20.49 -5.30
N CYS C 37 11.79 -21.29 -4.68
CA CYS C 37 12.15 -22.59 -4.09
C CYS C 37 11.38 -23.71 -4.78
N PRO C 38 12.04 -24.83 -5.15
CA PRO C 38 11.33 -25.92 -5.81
C PRO C 38 10.15 -26.46 -5.02
N GLU C 39 10.19 -26.39 -3.69
CA GLU C 39 9.12 -26.88 -2.84
C GLU C 39 8.22 -25.75 -2.32
N GLY C 40 8.30 -24.57 -2.95
CA GLY C 40 7.49 -23.47 -2.49
C GLY C 40 8.01 -22.92 -1.18
N LEU C 41 7.10 -22.31 -0.42
CA LEU C 41 7.46 -21.60 0.80
C LEU C 41 6.53 -22.01 1.94
N ARG C 42 6.95 -21.66 3.16
CA ARG C 42 6.11 -21.77 4.34
C ARG C 42 6.29 -20.48 5.11
N LEU C 43 5.20 -19.74 5.33
CA LEU C 43 5.26 -18.54 6.15
C LEU C 43 5.21 -18.95 7.61
N VAL C 44 6.28 -18.67 8.35
CA VAL C 44 6.42 -19.17 9.71
C VAL C 44 6.62 -17.98 10.65
N GLY C 45 6.49 -18.27 11.94
CA GLY C 45 6.75 -17.27 12.95
C GLY C 45 8.07 -17.56 13.66
N ARG C 51 15.84 -28.25 8.46
CA ARG C 51 14.41 -28.12 8.68
C ARG C 51 13.66 -29.34 8.15
N THR C 52 12.88 -29.98 9.02
CA THR C 52 12.15 -31.18 8.64
C THR C 52 11.26 -30.95 7.43
N LEU C 53 10.45 -29.90 7.47
CA LEU C 53 9.33 -29.75 6.55
C LEU C 53 9.81 -29.27 5.18
N PRO C 54 9.23 -29.78 4.10
CA PRO C 54 9.51 -29.22 2.78
C PRO C 54 8.96 -27.79 2.67
N GLY C 55 9.54 -27.05 1.74
CA GLY C 55 9.21 -25.65 1.60
C GLY C 55 10.19 -24.76 2.31
N TRP C 56 10.49 -23.63 1.72
CA TRP C 56 11.46 -22.71 2.28
C TRP C 56 10.79 -21.87 3.37
N PRO C 57 11.34 -21.86 4.59
CA PRO C 57 10.70 -21.12 5.69
C PRO C 57 10.96 -19.63 5.54
N VAL C 58 9.88 -18.85 5.50
CA VAL C 58 9.95 -17.40 5.41
C VAL C 58 9.48 -16.86 6.75
N THR C 59 10.41 -16.31 7.54
CA THR C 59 10.09 -15.94 8.92
C THR C 59 9.50 -14.54 8.96
N LEU C 60 8.25 -14.45 9.40
CA LEU C 60 7.65 -13.14 9.61
C LEU C 60 8.27 -12.52 10.84
N PRO C 61 8.65 -11.25 10.79
CA PRO C 61 9.51 -10.68 11.83
C PRO C 61 8.74 -10.39 13.11
N ASP C 62 9.47 -10.44 14.22
CA ASP C 62 8.88 -10.01 15.48
C ASP C 62 8.39 -8.57 15.32
N PRO C 63 7.18 -8.24 15.78
CA PRO C 63 6.65 -6.88 15.57
C PRO C 63 7.40 -5.81 16.34
N GLY C 64 8.28 -6.19 17.27
CA GLY C 64 9.05 -5.19 17.98
C GLY C 64 10.03 -4.43 17.10
N MET C 65 10.35 -4.97 15.92
CA MET C 65 11.32 -4.32 15.05
C MET C 65 10.73 -3.10 14.37
N SER C 66 9.43 -3.13 14.05
CA SER C 66 8.80 -2.11 13.25
C SER C 66 7.59 -1.44 13.88
N LEU C 67 6.98 -2.03 14.91
CA LEU C 67 5.81 -1.46 15.56
C LEU C 67 6.16 -0.82 16.90
N THR C 68 5.27 0.06 17.36
CA THR C 68 5.38 0.63 18.70
C THR C 68 4.12 0.51 19.54
N ASP C 69 2.95 0.26 18.94
CA ASP C 69 1.71 0.03 19.67
C ASP C 69 1.81 -1.29 20.42
N ARG C 70 1.91 -1.24 21.76
CA ARG C 70 2.20 -2.45 22.53
C ARG C 70 1.04 -3.43 22.51
N GLY C 71 -0.20 -2.94 22.46
CA GLY C 71 -1.34 -3.85 22.34
C GLY C 71 -1.31 -4.62 21.04
N VAL C 72 -1.08 -3.92 19.92
CA VAL C 72 -0.97 -4.59 18.62
C VAL C 72 0.22 -5.56 18.61
N MET C 73 1.35 -5.13 19.17
CA MET C 73 2.52 -6.01 19.22
C MET C 73 2.21 -7.31 19.93
N SER C 74 1.50 -7.23 21.07
N SER C 74 1.51 -7.24 21.07
CA SER C 74 1.14 -8.42 21.83
CA SER C 74 1.16 -8.45 21.81
C SER C 74 0.31 -9.38 20.99
C SER C 74 0.32 -9.40 20.97
N TYR C 75 -0.67 -8.86 20.25
CA TYR C 75 -1.57 -9.72 19.48
C TYR C 75 -0.89 -10.28 18.23
N VAL C 76 -0.07 -9.47 17.55
CA VAL C 76 0.70 -10.01 16.44
C VAL C 76 1.60 -11.11 16.93
N ARG C 77 2.27 -10.89 18.06
CA ARG C 77 3.15 -11.92 18.59
C ARG C 77 2.38 -13.21 18.87
N HIS C 78 1.15 -13.09 19.38
CA HIS C 78 0.34 -14.28 19.64
C HIS C 78 0.03 -15.03 18.34
N VAL C 79 -0.40 -14.29 17.32
CA VAL C 79 -0.66 -14.90 16.01
C VAL C 79 0.58 -15.61 15.49
N LEU C 80 1.73 -14.93 15.51
CA LEU C 80 2.94 -15.53 14.97
C LEU C 80 3.37 -16.77 15.76
N SER C 81 3.09 -16.80 17.05
CA SER C 81 3.48 -17.95 17.87
C SER C 81 2.62 -19.18 17.60
N CYS C 82 1.50 -19.02 16.88
CA CYS C 82 0.60 -20.12 16.61
C CYS C 82 0.68 -20.62 15.19
N LEU C 83 1.66 -20.17 14.41
CA LEU C 83 1.72 -20.56 13.01
C LEU C 83 2.23 -22.00 12.82
N GLY C 84 2.93 -22.57 13.80
CA GLY C 84 3.39 -23.94 13.66
C GLY C 84 4.32 -24.12 12.47
N GLY C 85 4.08 -25.19 11.72
CA GLY C 85 4.81 -25.45 10.49
C GLY C 85 4.61 -24.41 9.40
N GLY C 86 3.63 -23.55 9.54
CA GLY C 86 3.49 -22.37 8.71
C GLY C 86 2.37 -22.47 7.70
N LEU C 87 2.19 -21.38 6.98
CA LEU C 87 1.30 -21.32 5.82
C LEU C 87 2.09 -21.75 4.58
N ALA C 88 1.85 -22.97 4.11
CA ALA C 88 2.56 -23.50 2.95
C ALA C 88 1.93 -23.00 1.67
N LEU C 89 2.77 -22.64 0.69
CA LEU C 89 2.30 -22.21 -0.61
C LEU C 89 3.23 -22.73 -1.67
N TRP C 90 2.70 -23.43 -2.68
CA TRP C 90 3.58 -23.98 -3.71
C TRP C 90 2.83 -24.16 -5.01
N ARG C 91 3.59 -24.18 -6.10
CA ARG C 91 3.02 -24.45 -7.42
C ARG C 91 3.18 -25.93 -7.74
N ALA C 92 2.14 -26.51 -8.32
CA ALA C 92 2.23 -27.85 -8.90
C ALA C 92 1.29 -27.87 -10.10
N GLY C 93 1.86 -27.94 -11.29
CA GLY C 93 1.05 -27.99 -12.50
C GLY C 93 0.37 -26.65 -12.71
N GLN C 94 -0.93 -26.71 -13.02
CA GLN C 94 -1.71 -25.52 -13.29
C GLN C 94 -2.12 -24.78 -12.03
N TRP C 95 -1.84 -25.31 -10.83
CA TRP C 95 -2.42 -24.78 -9.62
C TRP C 95 -1.33 -24.30 -8.65
N LEU C 96 -1.64 -23.19 -7.94
CA LEU C 96 -0.99 -22.87 -6.68
C LEU C 96 -1.80 -23.53 -5.57
N TRP C 97 -1.09 -24.19 -4.66
CA TRP C 97 -1.69 -24.90 -3.55
C TRP C 97 -1.27 -24.23 -2.26
N ALA C 98 -2.20 -24.21 -1.29
CA ALA C 98 -1.91 -23.66 0.03
C ALA C 98 -2.41 -24.61 1.10
N GLN C 99 -1.72 -24.61 2.23
CA GLN C 99 -2.13 -25.46 3.33
C GLN C 99 -1.69 -24.80 4.63
N ARG C 100 -2.56 -24.88 5.63
CA ARG C 100 -2.33 -24.32 6.95
C ARG C 100 -1.77 -25.42 7.84
N LEU C 101 -0.52 -25.25 8.29
CA LEU C 101 0.14 -26.26 9.10
C LEU C 101 0.17 -25.88 10.57
N GLY C 102 -0.42 -24.75 10.95
CA GLY C 102 -0.50 -24.37 12.34
C GLY C 102 -1.93 -24.17 12.80
N HIS C 103 -2.14 -23.28 13.76
CA HIS C 103 -3.43 -23.13 14.42
C HIS C 103 -4.17 -21.87 14.03
N CYS C 104 -3.53 -20.94 13.32
CA CYS C 104 -4.19 -19.69 12.91
C CYS C 104 -5.01 -19.95 11.67
N HIS C 105 -6.33 -19.81 11.77
CA HIS C 105 -7.14 -19.80 10.57
C HIS C 105 -6.68 -18.69 9.64
N THR C 106 -6.60 -18.99 8.35
CA THR C 106 -6.11 -18.05 7.36
C THR C 106 -7.05 -17.98 6.18
N TYR C 107 -7.39 -16.77 5.76
CA TYR C 107 -8.32 -16.54 4.66
C TYR C 107 -7.60 -15.82 3.55
N TRP C 108 -7.96 -16.15 2.32
CA TRP C 108 -7.17 -15.69 1.18
C TRP C 108 -8.10 -15.10 0.13
N ALA C 109 -7.52 -14.23 -0.69
CA ALA C 109 -8.24 -13.69 -1.84
C ALA C 109 -7.22 -13.22 -2.86
N VAL C 110 -7.63 -13.18 -4.12
CA VAL C 110 -6.80 -12.62 -5.18
C VAL C 110 -7.28 -11.21 -5.43
N SER C 111 -6.36 -10.25 -5.40
CA SER C 111 -6.75 -8.85 -5.51
C SER C 111 -5.63 -8.04 -6.15
N GLU C 112 -5.38 -6.85 -5.62
CA GLU C 112 -4.48 -5.89 -6.26
C GLU C 112 -3.19 -5.76 -5.48
N GLU C 113 -2.22 -5.10 -6.12
CA GLU C 113 -0.90 -4.97 -5.51
C GLU C 113 -0.95 -4.20 -4.20
N LEU C 114 -1.71 -3.10 -4.14
CA LEU C 114 -1.70 -2.26 -2.95
C LEU C 114 -3.01 -2.27 -2.17
N LEU C 115 -3.94 -3.16 -2.52
CA LEU C 115 -5.23 -3.25 -1.84
C LEU C 115 -5.69 -4.69 -1.77
N PRO C 116 -5.82 -5.27 -0.58
CA PRO C 116 -6.26 -6.69 -0.50
C PRO C 116 -7.73 -6.90 -0.77
N ASN C 117 -8.57 -5.89 -0.54
CA ASN C 117 -10.00 -6.05 -0.80
C ASN C 117 -10.26 -6.18 -2.29
N SER C 118 -10.99 -7.23 -2.66
CA SER C 118 -11.41 -7.40 -4.04
C SER C 118 -12.82 -6.89 -4.29
N GLY C 119 -13.57 -6.56 -3.25
CA GLY C 119 -14.96 -6.22 -3.40
C GLY C 119 -15.91 -7.39 -3.31
N HIS C 120 -15.42 -8.62 -3.15
CA HIS C 120 -16.31 -9.76 -2.95
C HIS C 120 -15.77 -10.68 -1.86
N GLY C 121 -15.28 -10.09 -0.76
CA GLY C 121 -14.90 -10.86 0.42
C GLY C 121 -13.75 -11.79 0.13
N PRO C 122 -13.51 -12.77 1.02
CA PRO C 122 -12.44 -13.71 0.75
C PRO C 122 -12.86 -14.67 -0.35
N ASP C 123 -11.86 -15.21 -1.06
CA ASP C 123 -12.09 -16.25 -2.03
C ASP C 123 -12.12 -17.65 -1.41
N GLY C 124 -11.59 -17.80 -0.20
CA GLY C 124 -11.70 -19.05 0.52
C GLY C 124 -10.91 -19.01 1.82
N GLU C 125 -10.98 -20.13 2.53
CA GLU C 125 -10.15 -20.35 3.70
C GLU C 125 -9.10 -21.42 3.40
N VAL C 126 -7.87 -21.17 3.83
CA VAL C 126 -6.79 -22.14 3.63
C VAL C 126 -7.08 -23.38 4.47
N PRO C 127 -7.13 -24.56 3.84
CA PRO C 127 -7.42 -25.79 4.59
C PRO C 127 -6.21 -26.28 5.36
N LYS C 128 -6.48 -27.15 6.33
CA LYS C 128 -5.46 -27.73 7.20
C LYS C 128 -5.18 -29.20 6.90
N ASP C 129 -6.21 -30.04 6.77
CA ASP C 129 -5.99 -31.47 6.67
C ASP C 129 -5.37 -31.85 5.33
N LYS C 130 -5.64 -31.09 4.29
CA LYS C 130 -5.12 -31.35 2.95
C LYS C 130 -4.89 -30.00 2.29
N GLU C 131 -4.08 -30.00 1.24
CA GLU C 131 -3.87 -28.75 0.53
C GLU C 131 -5.14 -28.37 -0.22
N GLY C 132 -5.23 -27.10 -0.58
CA GLY C 132 -6.33 -26.61 -1.39
C GLY C 132 -5.79 -25.69 -2.46
N GLY C 133 -6.48 -25.67 -3.60
CA GLY C 133 -6.06 -24.79 -4.69
C GLY C 133 -6.47 -23.35 -4.42
N VAL C 134 -5.52 -22.43 -4.63
CA VAL C 134 -5.81 -21.02 -4.42
C VAL C 134 -5.61 -20.19 -5.68
N PHE C 135 -5.04 -20.76 -6.72
CA PHE C 135 -4.88 -20.03 -7.98
C PHE C 135 -4.75 -21.04 -9.12
N ASP C 136 -5.54 -20.85 -10.16
CA ASP C 136 -5.56 -21.72 -11.33
C ASP C 136 -4.98 -20.94 -12.50
N LEU C 137 -3.84 -21.40 -13.03
CA LEU C 137 -3.19 -20.69 -14.11
C LEU C 137 -4.03 -20.69 -15.38
N GLY C 138 -4.89 -21.69 -15.55
CA GLY C 138 -5.65 -21.83 -16.77
C GLY C 138 -6.52 -20.62 -17.07
N PRO C 139 -7.44 -20.30 -16.16
CA PRO C 139 -8.28 -19.11 -16.40
C PRO C 139 -7.49 -17.82 -16.42
N PHE C 140 -6.38 -17.74 -15.68
CA PHE C 140 -5.55 -16.54 -15.76
C PHE C 140 -5.04 -16.34 -17.18
N ILE C 141 -4.59 -17.41 -17.83
CA ILE C 141 -4.09 -17.29 -19.19
C ILE C 141 -5.23 -16.97 -20.15
N VAL C 142 -6.39 -17.60 -19.95
CA VAL C 142 -7.56 -17.22 -20.75
C VAL C 142 -7.83 -15.73 -20.61
N ASP C 143 -7.82 -15.21 -19.38
CA ASP C 143 -8.14 -13.80 -19.17
C ASP C 143 -7.02 -12.88 -19.64
N LEU C 144 -5.77 -13.32 -19.53
CA LEU C 144 -4.66 -12.58 -20.11
C LEU C 144 -4.82 -12.44 -21.62
N ILE C 145 -5.23 -13.53 -22.28
CA ILE C 145 -5.38 -13.48 -23.73
C ILE C 145 -6.53 -12.54 -24.11
N THR C 146 -7.68 -12.65 -23.43
CA THR C 146 -8.77 -11.73 -23.77
C THR C 146 -8.40 -10.29 -23.43
N PHE C 147 -7.54 -10.08 -22.42
CA PHE C 147 -7.03 -8.74 -22.13
C PHE C 147 -6.21 -8.18 -23.30
N THR C 148 -5.35 -9.00 -23.91
CA THR C 148 -4.62 -8.54 -25.10
C THR C 148 -5.54 -8.27 -26.28
N GLU C 149 -6.75 -8.85 -26.28
CA GLU C 149 -7.70 -8.69 -27.36
C GLU C 149 -8.72 -7.59 -27.10
N GLY C 150 -8.63 -6.86 -26.00
CA GLY C 150 -9.49 -5.74 -25.73
C GLY C 150 -10.59 -5.93 -24.68
N SER C 151 -10.47 -6.95 -23.82
CA SER C 151 -11.45 -7.13 -22.75
C SER C 151 -11.51 -5.93 -21.81
N GLY C 152 -10.41 -5.19 -21.68
CA GLY C 152 -10.36 -4.06 -20.76
C GLY C 152 -10.22 -4.43 -19.30
N ARG C 153 -9.96 -5.70 -18.98
CA ARG C 153 -9.83 -6.15 -17.60
C ARG C 153 -8.51 -6.89 -17.46
N SER C 154 -7.62 -6.38 -16.58
CA SER C 154 -6.43 -7.22 -16.49
C SER C 154 -6.64 -8.33 -15.47
N PRO C 155 -6.10 -9.52 -15.72
CA PRO C 155 -6.26 -10.61 -14.74
C PRO C 155 -5.46 -10.32 -13.49
N ARG C 156 -6.05 -10.63 -12.34
CA ARG C 156 -5.41 -10.40 -11.05
C ARG C 156 -4.52 -11.57 -10.69
N TYR C 157 -3.48 -11.30 -9.89
CA TYR C 157 -2.49 -12.33 -9.57
C TYR C 157 -1.96 -12.20 -8.15
N ALA C 158 -2.30 -11.11 -7.45
CA ALA C 158 -1.73 -10.88 -6.12
C ALA C 158 -2.57 -11.60 -5.08
N LEU C 159 -1.99 -12.63 -4.46
CA LEU C 159 -2.67 -13.36 -3.40
C LEU C 159 -2.47 -12.64 -2.08
N TRP C 160 -3.56 -12.47 -1.34
CA TRP C 160 -3.50 -11.88 -0.01
C TRP C 160 -3.99 -12.89 1.01
N PHE C 161 -3.27 -12.99 2.12
CA PHE C 161 -3.63 -13.89 3.21
C PHE C 161 -3.88 -13.07 4.45
N CYS C 162 -5.07 -13.23 5.03
CA CYS C 162 -5.40 -12.65 6.33
C CYS C 162 -5.22 -13.72 7.38
N VAL C 163 -4.28 -13.52 8.30
CA VAL C 163 -3.78 -14.58 9.18
C VAL C 163 -4.29 -14.34 10.59
N GLY C 164 -5.08 -15.29 11.10
CA GLY C 164 -5.52 -15.26 12.48
C GLY C 164 -6.76 -14.43 12.79
N GLU C 165 -7.38 -13.80 11.79
CA GLU C 165 -8.63 -13.07 11.95
C GLU C 165 -9.47 -13.28 10.71
N SER C 166 -10.76 -12.94 10.82
N SER C 166 -10.75 -12.95 10.80
CA SER C 166 -11.64 -12.94 9.65
CA SER C 166 -11.61 -13.05 9.64
C SER C 166 -11.10 -12.04 8.56
C SER C 166 -11.25 -11.99 8.60
N TRP C 167 -11.51 -12.32 7.33
CA TRP C 167 -11.20 -11.42 6.23
C TRP C 167 -11.89 -10.07 6.47
N PRO C 168 -11.20 -8.95 6.22
CA PRO C 168 -11.77 -7.64 6.56
C PRO C 168 -12.76 -7.16 5.51
N GLN C 169 -14.03 -7.52 5.71
CA GLN C 169 -15.10 -7.12 4.80
C GLN C 169 -15.68 -5.75 5.18
N ASP C 170 -16.06 -5.57 6.44
CA ASP C 170 -16.66 -4.32 6.88
C ASP C 170 -15.72 -3.50 7.76
N GLN C 171 -14.42 -3.78 7.72
CA GLN C 171 -13.40 -2.97 8.34
C GLN C 171 -12.28 -2.70 7.33
N PRO C 172 -11.65 -1.54 7.40
CA PRO C 172 -10.44 -1.33 6.57
C PRO C 172 -9.40 -2.40 6.84
N TRP C 173 -8.74 -2.85 5.77
CA TRP C 173 -7.77 -3.92 5.89
C TRP C 173 -6.58 -3.53 6.76
N THR C 174 -6.33 -2.23 6.92
CA THR C 174 -5.23 -1.75 7.76
C THR C 174 -5.48 -2.00 9.24
N LYS C 175 -6.68 -2.43 9.62
CA LYS C 175 -6.94 -2.78 11.01
C LYS C 175 -6.43 -4.18 11.34
N ARG C 176 -6.24 -5.02 10.33
CA ARG C 176 -5.94 -6.42 10.57
C ARG C 176 -4.53 -6.59 11.09
N LEU C 177 -4.35 -7.55 12.01
CA LEU C 177 -3.05 -7.73 12.66
C LEU C 177 -1.97 -8.19 11.68
N VAL C 178 -2.27 -9.18 10.83
CA VAL C 178 -1.27 -9.83 9.96
C VAL C 178 -1.89 -10.05 8.58
N MET C 179 -1.43 -9.29 7.59
CA MET C 179 -1.90 -9.43 6.22
C MET C 179 -0.66 -9.68 5.37
N VAL C 180 -0.66 -10.75 4.58
CA VAL C 180 0.53 -11.08 3.79
C VAL C 180 0.14 -11.11 2.32
N LYS C 181 0.84 -10.32 1.50
CA LYS C 181 0.70 -10.36 0.05
C LYS C 181 1.76 -11.29 -0.53
N VAL C 182 1.34 -12.20 -1.41
CA VAL C 182 2.28 -13.07 -2.12
C VAL C 182 2.02 -12.88 -3.61
N VAL C 183 3.05 -12.44 -4.34
CA VAL C 183 2.93 -12.21 -5.78
C VAL C 183 3.81 -13.22 -6.51
N PRO C 184 3.25 -14.11 -7.32
CA PRO C 184 4.08 -14.86 -8.27
C PRO C 184 4.59 -13.92 -9.35
N THR C 185 5.89 -13.65 -9.33
CA THR C 185 6.43 -12.54 -10.11
C THR C 185 6.31 -12.78 -11.60
N CYS C 186 6.26 -14.05 -12.04
CA CYS C 186 6.11 -14.29 -13.47
C CYS C 186 4.74 -13.85 -13.97
N LEU C 187 3.71 -13.90 -13.11
CA LEU C 187 2.39 -13.45 -13.54
C LEU C 187 2.32 -11.93 -13.58
N ARG C 188 2.97 -11.27 -12.63
CA ARG C 188 3.14 -9.82 -12.69
C ARG C 188 3.77 -9.41 -14.01
N ALA C 189 4.83 -10.13 -14.40
CA ALA C 189 5.53 -9.85 -15.65
C ALA C 189 4.62 -10.04 -16.86
N LEU C 190 3.84 -11.11 -16.88
CA LEU C 190 3.00 -11.36 -18.05
C LEU C 190 1.95 -10.27 -18.23
N VAL C 191 1.39 -9.76 -17.12
CA VAL C 191 0.43 -8.66 -17.27
C VAL C 191 1.14 -7.41 -17.78
N GLU C 192 2.33 -7.13 -17.26
CA GLU C 192 3.09 -5.99 -17.76
C GLU C 192 3.40 -6.13 -19.24
N MET C 193 3.73 -7.34 -19.69
CA MET C 193 3.99 -7.57 -21.11
C MET C 193 2.74 -7.28 -21.94
N ALA C 194 1.56 -7.67 -21.45
CA ALA C 194 0.32 -7.36 -22.17
C ALA C 194 0.13 -5.85 -22.26
N ARG C 195 0.46 -5.12 -21.19
CA ARG C 195 0.32 -3.67 -21.23
C ARG C 195 1.30 -3.04 -22.22
N VAL C 196 2.56 -3.50 -22.21
CA VAL C 196 3.53 -2.99 -23.17
C VAL C 196 3.04 -3.23 -24.59
N GLY C 197 2.40 -4.37 -24.83
CA GLY C 197 1.83 -4.66 -26.12
C GLY C 197 0.62 -3.82 -26.50
N GLY C 198 0.07 -3.07 -25.55
CA GLY C 198 -1.00 -2.13 -25.85
C GLY C 198 -2.32 -2.39 -25.14
N ALA C 199 -2.42 -3.38 -24.26
CA ALA C 199 -3.66 -3.65 -23.57
C ALA C 199 -3.87 -2.64 -22.44
N SER C 200 -5.10 -2.19 -22.25
CA SER C 200 -5.42 -1.20 -21.21
C SER C 200 -6.65 -1.61 -20.40
N LEU C 202 -8.10 0.80 -18.46
CA LEU C 202 -8.72 2.09 -18.09
C LEU C 202 -10.21 2.03 -18.47
N GLU C 203 -11.06 2.40 -17.52
CA GLU C 203 -12.49 2.24 -17.70
C GLU C 203 -13.02 3.29 -18.68
N ASN C 204 -13.96 2.87 -19.54
CA ASN C 204 -14.48 3.81 -20.52
C ASN C 204 -15.33 4.90 -19.87
N THR C 205 -15.67 4.76 -18.59
CA THR C 205 -16.49 5.73 -17.88
C THR C 205 -15.67 6.68 -17.03
N VAL C 206 -14.35 6.69 -17.17
CA VAL C 206 -13.51 7.61 -16.43
C VAL C 206 -13.94 9.03 -16.77
N ASP C 207 -14.06 9.88 -15.75
CA ASP C 207 -14.61 11.22 -15.90
C ASP C 207 -13.67 12.18 -15.19
N LEU C 208 -12.83 12.87 -15.98
CA LEU C 208 -11.92 13.85 -15.41
C LEU C 208 -12.68 15.09 -14.95
N HIS C 209 -12.28 15.64 -13.81
CA HIS C 209 -12.82 16.89 -13.29
C HIS C 209 -11.77 17.97 -13.53
N ILE C 210 -11.78 18.57 -14.71
CA ILE C 210 -10.80 19.59 -15.07
C ILE C 210 -11.53 20.79 -15.67
N SER C 211 -11.29 21.97 -15.11
CA SER C 211 -11.98 23.20 -15.51
C SER C 211 -11.13 24.06 -16.43
N ALA D 2 11.57 -14.89 -31.57
CA ALA D 2 10.24 -14.43 -31.14
C ALA D 2 10.08 -14.57 -29.63
N LEU D 3 10.59 -15.68 -29.09
CA LEU D 3 10.52 -15.90 -27.65
C LEU D 3 11.38 -14.90 -26.90
N GLN D 4 12.61 -14.65 -27.39
CA GLN D 4 13.45 -13.63 -26.77
C GLN D 4 12.96 -12.23 -27.14
N ASP D 5 12.36 -12.08 -28.32
CA ASP D 5 11.71 -10.81 -28.66
C ASP D 5 10.63 -10.46 -27.65
N LEU D 6 9.79 -11.44 -27.30
CA LEU D 6 8.70 -11.20 -26.36
C LEU D 6 9.25 -10.92 -24.96
N LEU D 7 10.21 -11.73 -24.51
CA LEU D 7 10.74 -11.57 -23.16
C LEU D 7 11.40 -10.21 -22.98
N ARG D 8 11.96 -9.65 -24.04
CA ARG D 8 12.65 -8.37 -23.94
C ARG D 8 11.70 -7.19 -23.82
N THR D 9 10.42 -7.36 -24.13
CA THR D 9 9.45 -6.32 -23.80
C THR D 9 9.29 -6.18 -22.30
N LEU D 10 9.45 -7.28 -21.55
CA LEU D 10 9.40 -7.23 -20.10
C LEU D 10 10.44 -6.25 -19.59
N LYS D 11 10.05 -4.99 -19.49
CA LYS D 11 10.90 -3.97 -18.90
C LYS D 11 10.90 -4.14 -17.40
N SER D 12 12.05 -3.91 -16.79
CA SER D 12 12.27 -4.07 -15.35
C SER D 12 12.05 -5.51 -14.90
N PRO D 13 12.70 -6.51 -15.49
CA PRO D 13 12.62 -7.86 -14.93
C PRO D 13 13.29 -7.88 -13.57
N SER D 14 12.68 -8.60 -12.63
CA SER D 14 13.21 -8.57 -11.28
C SER D 14 14.28 -9.63 -11.04
N SER D 15 14.27 -10.75 -11.76
CA SER D 15 15.25 -11.80 -11.49
C SER D 15 15.36 -12.72 -12.70
N PRO D 16 16.44 -13.49 -12.80
CA PRO D 16 16.53 -14.51 -13.85
C PRO D 16 15.55 -15.64 -13.64
N GLN D 17 15.20 -15.93 -12.39
CA GLN D 17 14.20 -16.94 -12.12
C GLN D 17 12.85 -16.53 -12.67
N GLN D 18 12.46 -15.26 -12.44
CA GLN D 18 11.22 -14.77 -13.03
C GLN D 18 11.25 -14.89 -14.54
N GLN D 19 12.37 -14.52 -15.16
CA GLN D 19 12.44 -14.56 -16.62
C GLN D 19 12.27 -15.97 -17.15
N GLN D 20 12.96 -16.95 -16.55
CA GLN D 20 12.81 -18.32 -17.02
C GLN D 20 11.38 -18.82 -16.80
N GLN D 21 10.74 -18.38 -15.73
CA GLN D 21 9.38 -18.85 -15.46
C GLN D 21 8.39 -18.25 -16.45
N VAL D 22 8.59 -17.00 -16.85
CA VAL D 22 7.83 -16.42 -17.96
C VAL D 22 8.04 -17.23 -19.23
N LEU D 23 9.29 -17.48 -19.59
CA LEU D 23 9.60 -18.24 -20.79
C LEU D 23 8.92 -19.62 -20.77
N ASN D 24 8.93 -20.29 -19.61
CA ASN D 24 8.31 -21.60 -19.53
C ASN D 24 6.81 -21.54 -19.74
N ILE D 25 6.14 -20.49 -19.22
CA ILE D 25 4.72 -20.35 -19.47
C ILE D 25 4.47 -20.10 -20.95
N LEU D 26 5.32 -19.28 -21.57
CA LEU D 26 5.14 -18.97 -22.98
C LEU D 26 5.33 -20.21 -23.85
N LYS D 27 6.33 -21.05 -23.53
CA LYS D 27 6.55 -22.26 -24.32
C LYS D 27 5.43 -23.27 -24.14
N SER D 28 4.86 -23.35 -22.94
CA SER D 28 3.75 -24.26 -22.67
C SER D 28 2.45 -23.76 -23.29
N ASN D 29 2.35 -22.48 -23.62
CA ASN D 29 1.08 -21.88 -24.07
C ASN D 29 1.29 -21.13 -25.38
N PRO D 30 1.40 -21.85 -26.49
CA PRO D 30 1.61 -21.16 -27.78
C PRO D 30 0.46 -20.25 -28.15
N GLN D 31 -0.74 -20.53 -27.65
CA GLN D 31 -1.87 -19.64 -27.89
C GLN D 31 -1.66 -18.31 -27.19
N LEU D 32 -0.94 -18.31 -26.06
CA LEU D 32 -0.59 -17.04 -25.40
C LEU D 32 0.50 -16.32 -26.17
N MET D 33 1.51 -17.06 -26.66
CA MET D 33 2.53 -16.44 -27.51
C MET D 33 1.89 -15.79 -28.74
N ALA D 34 0.94 -16.49 -29.37
CA ALA D 34 0.27 -15.96 -30.54
C ALA D 34 -0.47 -14.67 -30.21
N ALA D 35 -1.13 -14.61 -29.06
CA ALA D 35 -1.87 -13.42 -28.69
C ALA D 35 -0.93 -12.23 -28.48
N PHE D 36 0.25 -12.45 -27.87
CA PHE D 36 1.21 -11.37 -27.72
C PHE D 36 1.73 -10.90 -29.08
N ILE D 37 2.00 -11.83 -29.99
CA ILE D 37 2.49 -11.46 -31.32
C ILE D 37 1.45 -10.66 -32.07
N LYS D 38 0.19 -11.07 -31.98
CA LYS D 38 -0.89 -10.40 -32.71
C LYS D 38 -1.07 -8.96 -32.23
N GLN D 39 -0.98 -8.73 -30.93
CA GLN D 39 -1.20 -7.40 -30.41
C GLN D 39 0.01 -6.51 -30.75
#